data_5ZVA
#
_entry.id   5ZVA
#
_cell.length_a   61.312
_cell.length_b   91.304
_cell.length_c   91.354
_cell.angle_alpha   90.00
_cell.angle_beta   90.00
_cell.angle_gamma   90.00
#
_symmetry.space_group_name_H-M   'P 21 21 21'
#
loop_
_entity.id
_entity.type
_entity.pdbx_description
1 polymer APEBEC3F/ssDNA-C9
2 polymer "DNA (5'-D(*AP*TP*TP*TP*TP*CP*AP*AP*CP*T)-3')"
3 non-polymer 'ZINC ION'
4 non-polymer 'CACODYLATE ION'
5 water water
#
loop_
_entity_poly.entity_id
_entity_poly.type
_entity_poly.pdbx_seq_one_letter_code
_entity_poly.pdbx_strand_id
1 'polypeptide(L)'
;MAHHHHHHVDDDDKMLVPRGSENLYFQGSAMDPPTFTFNFNNEPWVRGRHETYLCFTMEVVKHHSPVSWKRGVFRNQVDP
ETHCHAERCFLSWFCDDILSPNTNYEVTWYTSWSPCPECAGEVAEFLARHSNVNLTIFTARLYYFWDTDYQEGLRSLSQE
GASVEIMGYKDFKYCWENFVYNDDEPFKPWKGLKYNFLFLDSKLQEILE
;
A,B
2 'polydeoxyribonucleotide' (DA)(DT)(DT)(DT)(DT)(DC)(DA)(DA)(DC)(DT) C
#
loop_
_chem_comp.id
_chem_comp.type
_chem_comp.name
_chem_comp.formula
CAC non-polymer 'CACODYLATE ION' 'C2 H6 As O2 -1'
DA DNA linking 2'-DEOXYADENOSINE-5'-MONOPHOSPHATE 'C10 H14 N5 O6 P'
DC DNA linking 2'-DEOXYCYTIDINE-5'-MONOPHOSPHATE 'C9 H14 N3 O7 P'
DT DNA linking THYMIDINE-5'-MONOPHOSPHATE 'C10 H15 N2 O8 P'
ZN non-polymer 'ZINC ION' 'Zn 2'
#
# COMPACT_ATOMS: atom_id res chain seq x y z
N GLU A 22 26.40 -20.19 23.31
CA GLU A 22 26.90 -19.19 22.33
C GLU A 22 25.96 -17.97 22.29
N ASN A 23 25.57 -17.57 21.08
CA ASN A 23 24.64 -16.47 20.85
C ASN A 23 23.19 -16.95 20.76
N LEU A 24 22.91 -18.10 21.37
CA LEU A 24 21.57 -18.69 21.39
C LEU A 24 20.78 -18.34 22.67
N TYR A 25 21.37 -17.46 23.49
CA TYR A 25 20.76 -17.01 24.75
C TYR A 25 19.34 -16.47 24.51
N PHE A 26 18.38 -17.01 25.27
CA PHE A 26 16.99 -16.62 25.14
C PHE A 26 16.44 -16.11 26.48
N GLN A 27 15.91 -14.90 26.47
CA GLN A 27 15.28 -14.29 27.64
C GLN A 27 13.77 -14.58 27.65
N GLY A 28 13.26 -15.15 28.74
CA GLY A 28 11.82 -15.50 28.86
C GLY A 28 11.49 -16.82 28.17
N SER A 29 10.20 -17.00 27.84
CA SER A 29 9.72 -18.21 27.20
C SER A 29 9.28 -17.93 25.77
N ALA A 30 9.59 -18.85 24.85
CA ALA A 30 9.04 -18.83 23.49
C ALA A 30 7.53 -19.10 23.55
N MET A 31 6.80 -18.63 22.53
CA MET A 31 5.35 -18.85 22.42
C MET A 31 5.07 -20.23 21.82
N ASP A 32 4.00 -20.89 22.24
CA ASP A 32 3.50 -22.03 21.44
C ASP A 32 2.84 -21.50 20.14
N PRO A 33 2.75 -22.34 19.07
CA PRO A 33 2.15 -21.83 17.81
C PRO A 33 0.77 -21.17 17.94
N PRO A 34 -0.22 -21.78 18.65
CA PRO A 34 -1.53 -21.09 18.71
C PRO A 34 -1.51 -19.71 19.42
N THR A 35 -0.63 -19.54 20.41
CA THR A 35 -0.46 -18.25 21.10
C THR A 35 0.10 -17.18 20.17
N PHE A 36 1.06 -17.58 19.33
CA PHE A 36 1.65 -16.66 18.34
C PHE A 36 0.60 -16.22 17.32
N THR A 37 -0.05 -17.20 16.73
CA THR A 37 -1.04 -16.95 15.68
C THR A 37 -2.20 -16.07 16.18
N PHE A 38 -2.64 -16.30 17.42
CA PHE A 38 -3.67 -15.48 18.04
C PHE A 38 -3.17 -14.05 18.29
N ASN A 39 -1.99 -13.92 18.90
CA ASN A 39 -1.49 -12.60 19.29
C ASN A 39 -0.91 -11.73 18.19
N PHE A 40 -0.37 -12.36 17.16
CA PHE A 40 0.24 -11.59 16.08
C PHE A 40 -0.63 -11.40 14.85
N ASN A 41 -1.86 -11.91 14.92
CA ASN A 41 -2.89 -11.59 13.92
C ASN A 41 -2.99 -10.08 13.76
N ASN A 42 -2.88 -9.62 12.53
CA ASN A 42 -2.79 -8.18 12.28
C ASN A 42 -4.05 -7.50 11.75
N GLU A 43 -5.21 -8.12 11.97
CA GLU A 43 -6.47 -7.40 11.73
C GLU A 43 -6.47 -6.15 12.60
N PRO A 44 -6.68 -4.96 11.98
CA PRO A 44 -6.54 -3.65 12.66
C PRO A 44 -7.39 -3.49 13.92
N TRP A 45 -8.54 -4.16 13.97
CA TRP A 45 -9.43 -4.06 15.12
C TRP A 45 -9.76 -5.39 15.82
N VAL A 46 -8.86 -6.37 15.80
CA VAL A 46 -9.14 -7.67 16.50
C VAL A 46 -9.61 -7.50 17.93
N ARG A 47 -10.54 -8.38 18.34
CA ARG A 47 -11.00 -8.39 19.72
C ARG A 47 -10.38 -9.50 20.55
N GLY A 48 -10.31 -9.26 21.86
CA GLY A 48 -9.86 -10.25 22.84
C GLY A 48 -8.36 -10.46 22.94
N ARG A 49 -7.57 -9.49 22.46
CA ARG A 49 -6.09 -9.54 22.59
C ARG A 49 -5.63 -8.62 23.71
N HIS A 50 -5.76 -9.09 24.95
CA HIS A 50 -5.48 -8.28 26.12
C HIS A 50 -3.99 -8.24 26.49
N GLU A 51 -3.24 -9.23 26.02
CA GLU A 51 -1.80 -9.31 26.29
C GLU A 51 -1.03 -8.47 25.27
N THR A 52 0.20 -8.11 25.64
CA THR A 52 1.15 -7.39 24.80
C THR A 52 2.43 -8.22 24.78
N TYR A 53 2.79 -8.72 23.60
CA TYR A 53 3.99 -9.52 23.44
C TYR A 53 5.12 -8.71 22.81
N LEU A 54 6.40 -8.58 23.47
CA LEU A 54 7.49 -7.88 22.88
C LEU A 54 8.54 -8.96 22.69
N CYS A 55 8.67 -9.39 21.45
CA CYS A 55 9.81 -10.20 21.02
C CYS A 55 10.94 -9.24 20.69
N PHE A 56 12.18 -9.66 20.89
CA PHE A 56 13.32 -8.80 20.61
C PHE A 56 14.53 -9.57 20.13
N THR A 57 15.34 -8.93 19.30
CA THR A 57 16.72 -9.37 19.08
C THR A 57 17.61 -8.19 19.34
N MET A 58 18.81 -8.51 19.82
CA MET A 58 19.77 -7.51 20.25
C MET A 58 21.14 -7.93 19.77
N GLU A 59 21.79 -7.03 19.03
CA GLU A 59 23.20 -7.18 18.69
C GLU A 59 24.04 -6.35 19.67
N VAL A 60 24.91 -7.04 20.41
CA VAL A 60 25.80 -6.41 21.39
C VAL A 60 27.18 -6.25 20.74
N VAL A 61 27.56 -4.98 20.53
CA VAL A 61 28.81 -4.63 19.84
C VAL A 61 29.78 -3.91 20.79
N LYS A 62 30.85 -4.60 21.12
CA LYS A 62 31.91 -4.05 21.97
C LYS A 62 33.24 -4.09 21.21
N HIS A 63 33.97 -2.97 21.23
CA HIS A 63 35.10 -2.74 20.30
C HIS A 63 36.21 -3.81 20.22
N HIS A 64 36.52 -4.48 21.33
CA HIS A 64 37.60 -5.49 21.35
C HIS A 64 37.12 -6.91 21.67
N SER A 65 35.81 -7.11 21.62
CA SER A 65 35.18 -8.40 21.92
C SER A 65 34.48 -8.95 20.69
N PRO A 66 34.23 -10.28 20.66
CA PRO A 66 33.28 -10.81 19.67
C PRO A 66 31.88 -10.22 19.87
N VAL A 67 31.23 -9.91 18.76
CA VAL A 67 29.84 -9.50 18.73
C VAL A 67 28.98 -10.65 19.28
N SER A 68 28.11 -10.31 20.24
CA SER A 68 27.16 -11.27 20.80
C SER A 68 25.71 -10.89 20.55
N TRP A 69 24.83 -11.89 20.67
CA TRP A 69 23.43 -11.74 20.35
C TRP A 69 22.56 -12.23 21.49
N LYS A 70 21.49 -11.49 21.75
CA LYS A 70 20.44 -11.93 22.67
C LYS A 70 19.08 -11.77 22.03
N ARG A 71 18.19 -12.70 22.34
CA ARG A 71 16.80 -12.59 21.96
C ARG A 71 15.89 -13.04 23.10
N GLY A 72 14.62 -12.67 23.01
CA GLY A 72 13.65 -13.13 23.98
C GLY A 72 12.26 -12.59 23.79
N VAL A 73 11.42 -12.84 24.78
CA VAL A 73 10.01 -12.48 24.76
C VAL A 73 9.67 -11.87 26.11
N PHE A 74 9.07 -10.67 26.09
CA PHE A 74 8.45 -10.07 27.26
C PHE A 74 6.93 -9.98 27.08
N ARG A 75 6.20 -10.07 28.19
CA ARG A 75 4.77 -9.78 28.27
C ARG A 75 4.55 -8.75 29.38
N ASN A 76 3.29 -8.38 29.60
CA ASN A 76 2.91 -7.51 30.71
C ASN A 76 3.13 -8.18 32.09
N GLN A 77 3.51 -7.35 33.06
CA GLN A 77 3.66 -7.68 34.51
C GLN A 77 4.70 -8.76 34.75
N THR A 82 5.77 -4.46 41.38
CA THR A 82 6.51 -5.07 40.27
C THR A 82 5.72 -5.12 38.94
N HIS A 83 4.53 -4.53 38.92
CA HIS A 83 3.68 -4.42 37.71
C HIS A 83 4.37 -3.58 36.63
N CYS A 84 4.15 -3.96 35.36
CA CYS A 84 4.93 -3.42 34.25
C CYS A 84 4.32 -3.79 32.89
N HIS A 85 4.06 -2.80 32.03
CA HIS A 85 3.78 -3.09 30.60
C HIS A 85 5.04 -3.68 29.96
N ALA A 86 4.86 -4.54 28.94
CA ALA A 86 5.95 -5.26 28.28
C ALA A 86 7.15 -4.39 27.87
N GLU A 87 6.85 -3.20 27.34
CA GLU A 87 7.88 -2.25 26.89
C GLU A 87 8.73 -1.76 28.06
N ARG A 88 8.08 -1.50 29.20
CA ARG A 88 8.78 -1.14 30.44
C ARG A 88 9.53 -2.31 31.08
N CYS A 89 8.97 -3.52 30.99
CA CYS A 89 9.64 -4.74 31.48
C CYS A 89 10.96 -4.93 30.75
N PHE A 90 10.93 -4.76 29.42
CA PHE A 90 12.16 -4.80 28.63
C PHE A 90 13.20 -3.79 29.10
N LEU A 91 12.79 -2.52 29.24
CA LEU A 91 13.71 -1.42 29.61
C LEU A 91 14.34 -1.67 30.97
N SER A 92 13.50 -2.13 31.90
CA SER A 92 13.90 -2.42 33.27
C SER A 92 14.90 -3.58 33.33
N TRP A 93 14.69 -4.61 32.51
CA TRP A 93 15.63 -5.73 32.38
C TRP A 93 16.93 -5.33 31.67
N PHE A 94 16.81 -4.50 30.64
CA PHE A 94 17.96 -4.02 29.87
C PHE A 94 18.90 -3.18 30.74
N CYS A 95 18.33 -2.25 31.52
CA CYS A 95 19.13 -1.37 32.37
C CYS A 95 19.73 -2.10 33.57
N ASP A 96 18.96 -3.02 34.16
CA ASP A 96 19.38 -3.72 35.38
C ASP A 96 20.34 -4.89 35.12
N ASP A 97 20.23 -5.53 33.97
CA ASP A 97 21.02 -6.73 33.68
C ASP A 97 22.01 -6.64 32.51
N ILE A 98 21.75 -5.76 31.55
CA ILE A 98 22.48 -5.77 30.27
C ILE A 98 23.41 -4.57 30.04
N LEU A 99 22.86 -3.35 30.09
CA LEU A 99 23.55 -2.13 29.66
C LEU A 99 24.92 -1.95 30.30
N SER A 100 25.96 -2.01 29.46
CA SER A 100 27.36 -1.95 29.89
C SER A 100 28.09 -0.72 29.35
N PRO A 101 29.21 -0.30 30.00
CA PRO A 101 30.02 0.78 29.44
C PRO A 101 30.74 0.40 28.14
N ASN A 102 30.94 1.39 27.27
CA ASN A 102 31.69 1.27 26.00
C ASN A 102 31.14 0.23 25.01
N THR A 103 29.83 0.02 25.07
CA THR A 103 29.15 -0.99 24.23
C THR A 103 28.00 -0.36 23.45
N ASN A 104 27.91 -0.71 22.17
CA ASN A 104 26.79 -0.35 21.32
C ASN A 104 25.77 -1.47 21.20
N TYR A 105 24.50 -1.09 21.05
CA TYR A 105 23.39 -2.02 21.06
C TYR A 105 22.48 -1.74 19.88
N GLU A 106 22.30 -2.77 19.05
CA GLU A 106 21.33 -2.75 17.95
C GLU A 106 20.15 -3.60 18.37
N VAL A 107 19.05 -2.94 18.71
CA VAL A 107 17.86 -3.59 19.26
C VAL A 107 16.68 -3.53 18.27
N THR A 108 16.07 -4.70 18.06
CA THR A 108 14.85 -4.81 17.26
C THR A 108 13.74 -5.39 18.13
N TRP A 109 12.59 -4.71 18.15
CA TRP A 109 11.38 -5.17 18.83
C TRP A 109 10.34 -5.62 17.82
N TYR A 110 9.64 -6.70 18.15
CA TYR A 110 8.46 -7.14 17.42
C TYR A 110 7.35 -7.21 18.45
N THR A 111 6.46 -6.23 18.41
CA THR A 111 5.42 -6.11 19.41
C THR A 111 4.08 -6.44 18.76
N SER A 112 3.17 -7.04 19.52
CA SER A 112 1.86 -7.41 18.99
C SER A 112 0.95 -6.18 18.96
N TRP A 113 1.08 -5.34 19.99
CA TRP A 113 0.41 -4.04 20.06
C TRP A 113 1.49 -2.96 20.09
N SER A 114 1.22 -1.83 19.44
CA SER A 114 2.08 -0.64 19.55
C SER A 114 1.95 0.00 20.96
N PRO A 115 2.95 0.81 21.40
CA PRO A 115 2.97 1.31 22.79
C PRO A 115 1.86 2.31 23.14
N CYS A 116 1.40 2.28 24.39
CA CYS A 116 0.60 3.37 24.98
C CYS A 116 1.49 4.64 25.16
N PRO A 117 0.89 5.83 25.37
CA PRO A 117 1.70 7.06 25.51
C PRO A 117 2.70 7.08 26.69
N GLU A 118 2.33 6.46 27.82
CA GLU A 118 3.23 6.35 28.98
C GLU A 118 4.45 5.51 28.65
N CYS A 119 4.23 4.38 27.97
CA CYS A 119 5.34 3.54 27.48
C CYS A 119 6.15 4.21 26.40
N ALA A 120 5.46 4.83 25.44
CA ALA A 120 6.11 5.57 24.36
C ALA A 120 7.04 6.68 24.88
N GLY A 121 6.54 7.46 25.84
CA GLY A 121 7.30 8.54 26.49
C GLY A 121 8.50 8.04 27.28
N GLU A 122 8.31 6.93 28.00
CA GLU A 122 9.38 6.27 28.76
C GLU A 122 10.48 5.70 27.86
N VAL A 123 10.09 5.10 26.73
CA VAL A 123 11.05 4.56 25.76
C VAL A 123 11.83 5.71 25.09
N ALA A 124 11.11 6.74 24.65
CA ALA A 124 11.71 7.94 24.08
C ALA A 124 12.75 8.59 25.01
N GLU A 125 12.42 8.69 26.30
CA GLU A 125 13.35 9.24 27.29
C GLU A 125 14.51 8.30 27.59
N PHE A 126 14.27 6.99 27.50
CA PHE A 126 15.36 6.01 27.64
C PHE A 126 16.38 6.15 26.51
N LEU A 127 15.88 6.38 25.28
CA LEU A 127 16.73 6.50 24.09
C LEU A 127 17.52 7.80 24.07
N ALA A 128 16.94 8.87 24.62
CA ALA A 128 17.61 10.17 24.78
C ALA A 128 18.75 10.07 25.79
N ARG A 129 18.52 9.28 26.83
CA ARG A 129 19.48 8.99 27.90
C ARG A 129 20.64 8.11 27.41
N HIS A 130 20.38 7.24 26.43
CA HIS A 130 21.38 6.30 25.91
C HIS A 130 21.57 6.38 24.39
N SER A 131 22.57 7.15 23.98
CA SER A 131 22.98 7.32 22.57
C SER A 131 23.54 6.04 21.95
N ASN A 132 24.11 5.18 22.79
CA ASN A 132 24.70 3.90 22.38
C ASN A 132 23.68 2.80 22.03
N VAL A 133 22.38 3.09 22.27
CA VAL A 133 21.30 2.16 21.95
C VAL A 133 20.52 2.64 20.72
N ASN A 134 20.40 1.75 19.74
CA ASN A 134 19.63 2.00 18.53
C ASN A 134 18.43 1.04 18.50
N LEU A 135 17.22 1.60 18.40
CA LEU A 135 16.00 0.80 18.46
C LEU A 135 15.14 0.85 17.19
N THR A 136 14.80 -0.34 16.70
CA THR A 136 13.86 -0.52 15.60
C THR A 136 12.62 -1.24 16.15
N ILE A 137 11.46 -0.62 16.01
CA ILE A 137 10.19 -1.22 16.44
C ILE A 137 9.36 -1.65 15.23
N PHE A 138 9.12 -2.97 15.13
CA PHE A 138 8.12 -3.54 14.24
C PHE A 138 6.89 -3.92 15.07
N THR A 139 5.71 -3.50 14.62
CA THR A 139 4.47 -3.76 15.36
C THR A 139 3.39 -4.44 14.50
N ALA A 140 2.76 -5.48 15.06
CA ALA A 140 1.72 -6.22 14.33
C ALA A 140 0.49 -5.35 14.14
N ARG A 141 0.10 -4.65 15.21
CA ARG A 141 -1.10 -3.81 15.21
C ARG A 141 -0.84 -2.45 15.88
N LEU A 142 -1.67 -1.48 15.53
CA LEU A 142 -1.62 -0.16 16.11
C LEU A 142 -2.67 -0.01 17.19
N TYR A 143 -2.21 0.18 18.42
CA TYR A 143 -3.06 0.31 19.59
C TYR A 143 -3.63 1.72 19.61
N TYR A 144 -4.96 1.82 19.59
CA TYR A 144 -5.69 3.10 19.61
C TYR A 144 -5.13 4.11 18.60
N PHE A 145 -4.98 3.68 17.35
CA PHE A 145 -4.39 4.54 16.30
C PHE A 145 -5.20 5.81 15.99
N TRP A 146 -6.49 5.79 16.35
CA TRP A 146 -7.42 6.90 16.11
C TRP A 146 -7.45 7.93 17.26
N ASP A 147 -6.71 7.66 18.34
CA ASP A 147 -6.63 8.55 19.49
C ASP A 147 -5.37 9.40 19.38
N THR A 148 -5.53 10.72 19.51
CA THR A 148 -4.43 11.68 19.33
C THR A 148 -3.31 11.59 20.36
N ASP A 149 -3.64 11.15 21.58
CA ASP A 149 -2.65 10.93 22.64
C ASP A 149 -1.70 9.75 22.33
N TYR A 150 -2.25 8.73 21.68
CA TYR A 150 -1.48 7.55 21.24
C TYR A 150 -0.67 7.86 19.97
N GLN A 151 -1.25 8.68 19.09
CA GLN A 151 -0.56 9.19 17.90
C GLN A 151 0.68 10.00 18.28
N GLU A 152 0.51 10.96 19.20
CA GLU A 152 1.61 11.76 19.77
C GLU A 152 2.71 10.87 20.32
N GLY A 153 2.32 9.82 21.05
CA GLY A 153 3.24 8.83 21.62
C GLY A 153 4.12 8.18 20.57
N LEU A 154 3.51 7.76 19.47
CA LEU A 154 4.24 7.15 18.36
C LEU A 154 5.11 8.17 17.63
N ARG A 155 4.61 9.40 17.49
CA ARG A 155 5.36 10.51 16.90
C ARG A 155 6.63 10.83 17.68
N SER A 156 6.51 10.91 19.01
CA SER A 156 7.64 11.23 19.89
C SER A 156 8.70 10.12 19.86
N LEU A 157 8.25 8.87 19.77
CA LEU A 157 9.14 7.73 19.58
C LEU A 157 10.00 7.86 18.33
N SER A 158 9.34 8.20 17.22
CA SER A 158 10.02 8.41 15.93
C SER A 158 11.01 9.57 15.97
N GLN A 159 10.61 10.67 16.60
CA GLN A 159 11.45 11.88 16.72
C GLN A 159 12.69 11.72 17.60
N GLU A 160 12.67 10.73 18.48
CA GLU A 160 13.82 10.42 19.34
C GLU A 160 14.72 9.29 18.78
N GLY A 161 14.51 8.95 17.51
CA GLY A 161 15.45 8.11 16.76
C GLY A 161 15.04 6.67 16.49
N ALA A 162 14.00 6.20 17.18
CA ALA A 162 13.47 4.87 16.93
C ALA A 162 12.71 4.85 15.62
N SER A 163 13.01 3.88 14.76
CA SER A 163 12.22 3.66 13.57
C SER A 163 11.03 2.75 13.93
N VAL A 164 9.83 3.30 13.74
CA VAL A 164 8.59 2.57 13.98
C VAL A 164 8.01 2.13 12.64
N GLU A 165 7.71 0.83 12.54
CA GLU A 165 7.20 0.20 11.32
C GLU A 165 6.12 -0.85 11.62
N ILE A 166 5.30 -1.13 10.60
CA ILE A 166 4.34 -2.22 10.68
C ILE A 166 5.04 -3.53 10.29
N MET A 167 4.76 -4.61 11.04
CA MET A 167 5.23 -5.94 10.70
C MET A 167 4.59 -6.38 9.39
N GLY A 168 5.43 -6.79 8.43
CA GLY A 168 4.98 -7.41 7.20
C GLY A 168 5.33 -8.90 7.20
N TYR A 169 5.07 -9.55 6.07
CA TYR A 169 5.32 -10.97 5.91
C TYR A 169 6.67 -11.43 6.49
N LYS A 170 7.76 -10.81 6.03
CA LYS A 170 9.13 -11.18 6.45
C LYS A 170 9.33 -11.09 7.97
N ASP A 171 8.61 -10.17 8.61
CA ASP A 171 8.71 -9.93 10.05
C ASP A 171 7.94 -11.00 10.84
N PHE A 172 6.73 -11.35 10.37
CA PHE A 172 5.97 -12.46 10.97
C PHE A 172 6.71 -13.78 10.81
N LYS A 173 7.33 -13.99 9.65
CA LYS A 173 8.11 -15.18 9.35
C LYS A 173 9.34 -15.27 10.27
N TYR A 174 10.05 -14.15 10.42
CA TYR A 174 11.16 -14.07 11.35
C TYR A 174 10.77 -14.46 12.79
N CYS A 175 9.67 -13.90 13.29
CA CYS A 175 9.18 -14.22 14.64
C CYS A 175 8.78 -15.67 14.83
N TRP A 176 8.12 -16.22 13.80
CA TRP A 176 7.75 -17.63 13.78
C TRP A 176 9.01 -18.50 13.95
N GLU A 177 10.08 -18.11 13.25
CA GLU A 177 11.33 -18.87 13.25
C GLU A 177 12.13 -18.77 14.54
N ASN A 178 12.01 -17.63 15.24
CA ASN A 178 12.91 -17.31 16.36
C ASN A 178 12.29 -17.24 17.76
N PHE A 179 10.97 -17.08 17.84
CA PHE A 179 10.30 -16.86 19.13
C PHE A 179 9.16 -17.83 19.41
N VAL A 180 9.00 -18.81 18.53
CA VAL A 180 7.90 -19.76 18.58
C VAL A 180 8.47 -21.17 18.60
N TYR A 181 7.83 -22.06 19.35
CA TYR A 181 8.10 -23.48 19.25
C TYR A 181 7.46 -24.01 17.96
N ASN A 182 8.08 -23.70 16.83
CA ASN A 182 7.51 -24.02 15.51
C ASN A 182 7.64 -25.48 15.10
N ASP A 183 8.47 -26.24 15.83
CA ASP A 183 8.70 -27.67 15.60
C ASP A 183 9.12 -27.97 14.14
N ASP A 184 9.91 -27.05 13.58
CA ASP A 184 10.44 -27.12 12.20
C ASP A 184 9.40 -27.00 11.07
N GLU A 185 8.21 -26.53 11.42
CA GLU A 185 7.18 -26.24 10.41
C GLU A 185 7.39 -24.83 9.89
N PRO A 186 7.24 -24.63 8.56
CA PRO A 186 7.32 -23.27 8.01
C PRO A 186 6.18 -22.38 8.45
N PHE A 187 6.45 -21.08 8.47
CA PHE A 187 5.43 -20.06 8.69
C PHE A 187 4.30 -20.16 7.68
N LYS A 188 3.05 -20.14 8.17
CA LYS A 188 1.87 -20.16 7.31
C LYS A 188 1.15 -18.83 7.48
N PRO A 189 1.30 -17.90 6.51
CA PRO A 189 0.67 -16.58 6.64
C PRO A 189 -0.85 -16.73 6.55
N TRP A 190 -1.57 -15.94 7.34
CA TRP A 190 -3.05 -16.00 7.35
C TRP A 190 -3.61 -15.12 6.24
N LYS A 191 -4.82 -15.41 5.80
CA LYS A 191 -5.54 -14.59 4.83
C LYS A 191 -5.70 -13.16 5.37
N GLY A 192 -5.47 -12.17 4.51
CA GLY A 192 -5.60 -10.77 4.91
C GLY A 192 -4.34 -10.11 5.47
N LEU A 193 -3.28 -10.89 5.70
CA LEU A 193 -2.03 -10.39 6.29
C LEU A 193 -1.48 -9.16 5.53
N LYS A 194 -1.42 -9.24 4.21
CA LYS A 194 -0.92 -8.15 3.39
C LYS A 194 -1.88 -6.95 3.33
N TYR A 195 -3.17 -7.22 3.13
CA TYR A 195 -4.17 -6.15 3.15
C TYR A 195 -4.15 -5.38 4.47
N ASN A 196 -4.06 -6.12 5.57
CA ASN A 196 -4.00 -5.53 6.91
C ASN A 196 -2.74 -4.69 7.07
N PHE A 197 -1.62 -5.22 6.61
CA PHE A 197 -0.35 -4.50 6.62
C PHE A 197 -0.47 -3.17 5.88
N LEU A 198 -1.09 -3.21 4.69
CA LEU A 198 -1.24 -2.02 3.85
C LEU A 198 -2.14 -0.97 4.49
N PHE A 199 -3.25 -1.41 5.10
CA PHE A 199 -4.08 -0.50 5.89
C PHE A 199 -3.27 0.16 7.02
N LEU A 200 -2.59 -0.65 7.82
CA LEU A 200 -1.84 -0.19 9.00
C LEU A 200 -0.66 0.72 8.66
N ASP A 201 0.09 0.36 7.62
CA ASP A 201 1.19 1.16 7.12
C ASP A 201 0.73 2.55 6.64
N SER A 202 -0.40 2.60 5.96
CA SER A 202 -1.04 3.85 5.56
C SER A 202 -1.43 4.73 6.76
N LYS A 203 -2.05 4.14 7.78
CA LYS A 203 -2.40 4.87 9.01
C LYS A 203 -1.15 5.33 9.75
N LEU A 204 -0.12 4.50 9.78
CA LEU A 204 1.16 4.87 10.40
C LEU A 204 1.83 6.07 9.72
N GLN A 205 1.88 6.05 8.37
CA GLN A 205 2.47 7.15 7.61
C GLN A 205 1.72 8.47 7.79
N GLU A 206 0.38 8.39 7.94
CA GLU A 206 -0.46 9.57 8.24
C GLU A 206 -0.15 10.14 9.63
N ILE A 207 0.14 9.25 10.58
CA ILE A 207 0.51 9.63 11.94
C ILE A 207 1.91 10.24 11.98
N LEU A 208 2.87 9.64 11.26
CA LEU A 208 4.26 10.09 11.30
C LEU A 208 4.59 11.26 10.36
N GLU A 209 3.59 11.72 9.61
CA GLU A 209 3.71 12.83 8.66
C GLU A 209 3.90 14.16 9.38
N TYR B 25 -18.05 21.52 -21.87
CA TYR B 25 -16.61 21.74 -21.54
C TYR B 25 -15.98 20.51 -20.86
N PHE B 26 -16.38 20.26 -19.61
CA PHE B 26 -16.00 19.06 -18.87
C PHE B 26 -17.17 18.07 -18.93
N GLN B 27 -16.93 16.90 -19.50
CA GLN B 27 -17.92 15.84 -19.57
C GLN B 27 -17.91 15.01 -18.28
N GLY B 28 -19.05 14.92 -17.61
CA GLY B 28 -19.18 14.18 -16.36
C GLY B 28 -18.87 15.01 -15.12
N SER B 29 -18.50 14.31 -14.04
CA SER B 29 -18.19 14.96 -12.77
C SER B 29 -16.73 14.71 -12.40
N ALA B 30 -16.03 15.79 -12.03
CA ALA B 30 -14.70 15.67 -11.45
C ALA B 30 -14.80 14.97 -10.10
N MET B 31 -13.73 14.23 -9.74
CA MET B 31 -13.70 13.41 -8.53
C MET B 31 -13.37 14.23 -7.30
N ASP B 32 -13.93 13.84 -6.15
CA ASP B 32 -13.47 14.28 -4.84
C ASP B 32 -12.05 13.72 -4.59
N PRO B 33 -11.18 14.50 -3.89
CA PRO B 33 -9.82 14.01 -3.62
C PRO B 33 -9.73 12.60 -2.97
N PRO B 34 -10.49 12.34 -1.87
CA PRO B 34 -10.44 10.98 -1.32
C PRO B 34 -10.94 9.89 -2.29
N THR B 35 -11.89 10.23 -3.16
CA THR B 35 -12.40 9.29 -4.17
C THR B 35 -11.31 8.87 -5.15
N PHE B 36 -10.55 9.86 -5.62
CA PHE B 36 -9.40 9.64 -6.50
C PHE B 36 -8.35 8.76 -5.83
N THR B 37 -7.93 9.17 -4.64
CA THR B 37 -6.86 8.52 -3.90
C THR B 37 -7.20 7.05 -3.65
N PHE B 38 -8.45 6.78 -3.26
CA PHE B 38 -8.93 5.41 -3.07
C PHE B 38 -8.92 4.60 -4.38
N ASN B 39 -9.55 5.16 -5.41
CA ASN B 39 -9.77 4.45 -6.66
C ASN B 39 -8.59 4.29 -7.59
N PHE B 40 -7.63 5.22 -7.49
CA PHE B 40 -6.46 5.17 -8.34
C PHE B 40 -5.20 4.61 -7.65
N ASN B 41 -5.35 4.15 -6.41
CA ASN B 41 -4.28 3.44 -5.70
C ASN B 41 -3.80 2.29 -6.58
N ASN B 42 -2.47 2.17 -6.71
CA ASN B 42 -1.94 1.24 -7.69
C ASN B 42 -1.32 -0.03 -7.11
N GLU B 43 -1.71 -0.39 -5.88
CA GLU B 43 -1.42 -1.73 -5.37
C GLU B 43 -1.97 -2.73 -6.38
N PRO B 44 -1.19 -3.77 -6.73
CA PRO B 44 -1.68 -4.70 -7.76
C PRO B 44 -2.96 -5.43 -7.33
N TRP B 45 -3.13 -5.61 -6.02
CA TRP B 45 -4.35 -6.17 -5.47
C TRP B 45 -4.95 -5.17 -4.50
N VAL B 46 -6.23 -4.87 -4.70
CA VAL B 46 -7.01 -3.99 -3.81
C VAL B 46 -8.40 -4.59 -3.58
N ARG B 47 -9.02 -4.20 -2.47
CA ARG B 47 -10.39 -4.60 -2.15
C ARG B 47 -11.32 -3.40 -2.15
N GLY B 48 -12.58 -3.66 -2.50
CA GLY B 48 -13.62 -2.64 -2.46
C GLY B 48 -13.58 -1.60 -3.56
N ARG B 49 -12.84 -1.87 -4.64
CA ARG B 49 -12.88 -0.97 -5.79
C ARG B 49 -13.89 -1.48 -6.80
N HIS B 50 -15.16 -1.28 -6.47
CA HIS B 50 -16.30 -1.79 -7.25
C HIS B 50 -16.56 -0.96 -8.51
N GLU B 51 -16.15 0.29 -8.49
CA GLU B 51 -16.29 1.19 -9.65
C GLU B 51 -15.08 1.15 -10.56
N THR B 52 -15.29 1.49 -11.83
CA THR B 52 -14.20 1.81 -12.73
C THR B 52 -14.28 3.30 -13.08
N TYR B 53 -13.20 4.03 -12.85
CA TYR B 53 -13.16 5.45 -13.14
C TYR B 53 -12.33 5.75 -14.39
N LEU B 54 -12.99 6.49 -15.52
CA LEU B 54 -12.33 6.55 -16.81
C LEU B 54 -12.10 8.00 -17.24
N CYS B 55 -11.00 8.58 -16.78
CA CYS B 55 -10.66 9.96 -17.11
C CYS B 55 -10.20 9.99 -18.56
N PHE B 56 -10.55 11.03 -19.31
CA PHE B 56 -10.11 11.14 -20.69
C PHE B 56 -9.70 12.55 -21.08
N THR B 57 -8.76 12.63 -22.02
CA THR B 57 -8.51 13.85 -22.80
C THR B 57 -8.65 13.50 -24.28
N MET B 58 -9.04 14.50 -25.07
CA MET B 58 -9.32 14.31 -26.48
C MET B 58 -8.81 15.50 -27.27
N GLU B 59 -7.88 15.22 -28.18
CA GLU B 59 -7.41 16.20 -29.15
C GLU B 59 -8.25 16.03 -30.42
N VAL B 60 -8.97 17.09 -30.78
CA VAL B 60 -9.85 17.12 -31.96
C VAL B 60 -9.15 17.86 -33.10
N VAL B 61 -8.89 17.13 -34.19
CA VAL B 61 -8.12 17.64 -35.31
C VAL B 61 -9.00 17.70 -36.56
N LYS B 62 -9.35 18.92 -36.96
CA LYS B 62 -10.21 19.18 -38.11
C LYS B 62 -9.46 20.08 -39.08
N HIS B 63 -9.34 19.63 -40.33
CA HIS B 63 -8.70 20.41 -41.40
C HIS B 63 -9.38 21.77 -41.55
N HIS B 64 -8.56 22.80 -41.75
CA HIS B 64 -8.97 24.22 -41.84
C HIS B 64 -9.53 24.85 -40.54
N SER B 65 -9.51 24.07 -39.45
CA SER B 65 -9.94 24.54 -38.13
C SER B 65 -8.79 24.50 -37.12
N PRO B 66 -8.80 25.42 -36.12
CA PRO B 66 -7.86 25.27 -35.00
C PRO B 66 -8.20 24.03 -34.16
N VAL B 67 -7.16 23.38 -33.66
CA VAL B 67 -7.28 22.23 -32.77
C VAL B 67 -8.09 22.57 -31.50
N SER B 68 -9.00 21.66 -31.12
CA SER B 68 -9.82 21.81 -29.91
C SER B 68 -9.66 20.62 -28.97
N TRP B 69 -9.85 20.86 -27.67
CA TRP B 69 -9.69 19.83 -26.66
C TRP B 69 -10.99 19.54 -25.90
N LYS B 70 -11.15 18.28 -25.52
CA LYS B 70 -12.23 17.83 -24.63
C LYS B 70 -11.68 16.96 -23.51
N ARG B 71 -12.30 17.05 -22.33
CA ARG B 71 -11.92 16.20 -21.21
C ARG B 71 -13.13 15.85 -20.37
N GLY B 72 -12.97 14.81 -19.55
CA GLY B 72 -13.98 14.45 -18.58
C GLY B 72 -13.73 13.11 -17.95
N VAL B 73 -14.77 12.61 -17.29
CA VAL B 73 -14.72 11.40 -16.47
C VAL B 73 -15.98 10.57 -16.71
N PHE B 74 -15.81 9.30 -17.03
CA PHE B 74 -16.93 8.34 -17.07
C PHE B 74 -16.82 7.32 -15.93
N ARG B 75 -17.98 6.87 -15.44
CA ARG B 75 -18.12 5.80 -14.44
C ARG B 75 -18.97 4.71 -15.07
N ASN B 76 -19.03 3.55 -14.43
CA ASN B 76 -20.04 2.54 -14.78
C ASN B 76 -21.44 3.12 -14.62
N GLN B 77 -22.31 2.85 -15.60
CA GLN B 77 -23.74 3.09 -15.47
C GLN B 77 -24.36 1.76 -15.03
N VAL B 78 -25.27 1.84 -14.06
CA VAL B 78 -25.62 0.69 -13.21
C VAL B 78 -27.12 0.31 -13.27
N ASP B 79 -27.97 1.22 -13.73
CA ASP B 79 -29.41 0.98 -13.93
C ASP B 79 -29.61 -0.13 -14.98
N PRO B 80 -30.42 -1.17 -14.65
CA PRO B 80 -30.68 -2.34 -15.51
C PRO B 80 -31.05 -2.03 -16.96
N GLU B 81 -31.76 -0.91 -17.19
CA GLU B 81 -32.18 -0.49 -18.53
C GLU B 81 -31.07 0.19 -19.35
N THR B 82 -30.17 0.89 -18.68
CA THR B 82 -29.15 1.72 -19.35
C THR B 82 -27.69 1.40 -18.94
N HIS B 83 -27.44 0.18 -18.49
CA HIS B 83 -26.14 -0.22 -17.93
C HIS B 83 -25.02 -0.34 -18.99
N CYS B 84 -23.80 -0.01 -18.58
CA CYS B 84 -22.62 -0.11 -19.44
C CYS B 84 -21.31 0.27 -18.75
N HIS B 85 -20.32 -0.63 -18.76
CA HIS B 85 -19.03 -0.35 -18.14
C HIS B 85 -18.51 0.97 -18.70
N ALA B 86 -17.76 1.70 -17.88
CA ALA B 86 -17.21 3.03 -18.22
C ALA B 86 -16.67 3.16 -19.65
N GLU B 87 -15.90 2.15 -20.08
CA GLU B 87 -15.34 2.05 -21.45
C GLU B 87 -16.43 2.10 -22.52
N ARG B 88 -17.47 1.28 -22.35
CA ARG B 88 -18.64 1.24 -23.23
C ARG B 88 -19.38 2.57 -23.24
N CYS B 89 -19.58 3.15 -22.05
CA CYS B 89 -20.27 4.44 -21.89
C CYS B 89 -19.51 5.57 -22.59
N PHE B 90 -18.17 5.53 -22.55
CA PHE B 90 -17.37 6.47 -23.33
C PHE B 90 -17.61 6.28 -24.83
N LEU B 91 -17.53 5.01 -25.27
CA LEU B 91 -17.73 4.66 -26.68
C LEU B 91 -19.08 5.12 -27.23
N SER B 92 -20.16 4.84 -26.49
CA SER B 92 -21.52 5.27 -26.88
C SER B 92 -21.60 6.79 -27.02
N TRP B 93 -21.10 7.52 -26.01
CA TRP B 93 -21.09 8.98 -26.02
C TRP B 93 -20.33 9.54 -27.22
N PHE B 94 -19.14 9.01 -27.47
CA PHE B 94 -18.28 9.46 -28.57
C PHE B 94 -18.93 9.25 -29.93
N CYS B 95 -19.57 8.10 -30.11
CA CYS B 95 -20.26 7.76 -31.37
C CYS B 95 -21.52 8.57 -31.65
N ASP B 96 -22.33 8.80 -30.61
CA ASP B 96 -23.62 9.47 -30.74
C ASP B 96 -23.50 11.00 -30.83
N ASP B 97 -22.59 11.57 -30.04
CA ASP B 97 -22.50 13.03 -29.87
C ASP B 97 -21.31 13.66 -30.60
N ILE B 98 -20.18 12.94 -30.68
CA ILE B 98 -18.90 13.57 -31.02
C ILE B 98 -18.38 13.25 -32.43
N LEU B 99 -18.29 11.96 -32.76
CA LEU B 99 -17.69 11.48 -34.00
C LEU B 99 -18.26 12.15 -35.25
N SER B 100 -17.37 12.80 -36.00
CA SER B 100 -17.69 13.52 -37.24
C SER B 100 -16.80 12.98 -38.39
N PRO B 101 -17.30 13.07 -39.65
CA PRO B 101 -16.60 12.44 -40.80
C PRO B 101 -15.14 12.89 -41.06
N ASN B 102 -14.92 14.20 -41.16
CA ASN B 102 -13.64 14.75 -41.64
C ASN B 102 -12.74 15.21 -40.49
N THR B 103 -12.70 14.40 -39.45
CA THR B 103 -12.06 14.77 -38.19
C THR B 103 -11.20 13.60 -37.69
N ASN B 104 -9.98 13.92 -37.25
CA ASN B 104 -9.10 12.97 -36.55
C ASN B 104 -9.18 13.19 -35.05
N TYR B 105 -9.02 12.10 -34.29
CA TYR B 105 -9.13 12.13 -32.82
C TYR B 105 -7.93 11.47 -32.14
N GLU B 106 -7.29 12.20 -31.24
CA GLU B 106 -6.25 11.65 -30.37
C GLU B 106 -6.80 11.58 -28.95
N VAL B 107 -7.13 10.37 -28.51
CA VAL B 107 -7.82 10.14 -27.24
C VAL B 107 -6.88 9.46 -26.25
N THR B 108 -6.86 9.99 -25.02
CA THR B 108 -6.12 9.36 -23.95
C THR B 108 -7.07 8.99 -22.83
N TRP B 109 -7.00 7.74 -22.39
CA TRP B 109 -7.73 7.27 -21.20
C TRP B 109 -6.79 7.10 -20.01
N TYR B 110 -7.27 7.49 -18.84
CA TYR B 110 -6.66 7.13 -17.58
C TYR B 110 -7.71 6.37 -16.80
N THR B 111 -7.53 5.04 -16.72
CA THR B 111 -8.49 4.17 -16.07
C THR B 111 -7.96 3.64 -14.75
N SER B 112 -8.84 3.49 -13.77
CA SER B 112 -8.49 2.95 -12.47
C SER B 112 -8.29 1.44 -12.52
N TRP B 113 -9.14 0.75 -13.31
CA TRP B 113 -8.98 -0.67 -13.62
C TRP B 113 -8.81 -0.82 -15.14
N SER B 114 -8.01 -1.80 -15.56
CA SER B 114 -7.89 -2.14 -16.99
C SER B 114 -9.17 -2.88 -17.48
N PRO B 115 -9.48 -2.84 -18.80
CA PRO B 115 -10.77 -3.37 -19.30
C PRO B 115 -11.01 -4.87 -19.09
N CYS B 116 -12.28 -5.25 -18.90
CA CYS B 116 -12.71 -6.66 -18.97
C CYS B 116 -12.65 -7.11 -20.45
N PRO B 117 -12.60 -8.44 -20.72
CA PRO B 117 -12.44 -8.88 -22.13
C PRO B 117 -13.57 -8.45 -23.08
N GLU B 118 -14.78 -8.29 -22.55
CA GLU B 118 -15.93 -7.80 -23.32
C GLU B 118 -15.71 -6.35 -23.76
N CYS B 119 -15.29 -5.50 -22.81
CA CYS B 119 -14.97 -4.09 -23.07
C CYS B 119 -13.79 -3.94 -24.02
N ALA B 120 -12.75 -4.75 -23.79
CA ALA B 120 -11.53 -4.71 -24.60
C ALA B 120 -11.82 -5.10 -26.04
N GLY B 121 -12.68 -6.11 -26.21
CA GLY B 121 -13.15 -6.56 -27.53
C GLY B 121 -13.93 -5.49 -28.27
N GLU B 122 -14.83 -4.79 -27.56
CA GLU B 122 -15.62 -3.69 -28.12
C GLU B 122 -14.76 -2.49 -28.53
N VAL B 123 -13.75 -2.17 -27.73
CA VAL B 123 -12.84 -1.05 -28.01
C VAL B 123 -11.92 -1.38 -29.21
N ALA B 124 -11.38 -2.60 -29.23
CA ALA B 124 -10.57 -3.10 -30.34
C ALA B 124 -11.37 -3.16 -31.66
N GLU B 125 -12.62 -3.65 -31.57
CA GLU B 125 -13.54 -3.68 -32.72
C GLU B 125 -13.85 -2.28 -33.23
N PHE B 126 -14.06 -1.35 -32.30
CA PHE B 126 -14.28 0.06 -32.60
C PHE B 126 -13.09 0.71 -33.31
N LEU B 127 -11.89 0.47 -32.80
CA LEU B 127 -10.64 1.04 -33.36
C LEU B 127 -10.30 0.51 -34.75
N ALA B 128 -10.68 -0.74 -35.02
CA ALA B 128 -10.53 -1.35 -36.35
C ALA B 128 -11.47 -0.71 -37.36
N ARG B 129 -12.67 -0.35 -36.90
CA ARG B 129 -13.72 0.25 -37.72
C ARG B 129 -13.55 1.77 -37.93
N HIS B 130 -12.74 2.40 -37.07
CA HIS B 130 -12.52 3.85 -37.14
C HIS B 130 -11.02 4.20 -37.12
N SER B 131 -10.46 4.30 -38.33
CA SER B 131 -9.03 4.59 -38.56
C SER B 131 -8.63 5.99 -38.09
N ASN B 132 -9.57 6.93 -38.16
CA ASN B 132 -9.38 8.33 -37.74
C ASN B 132 -9.27 8.56 -36.22
N VAL B 133 -9.36 7.48 -35.43
CA VAL B 133 -9.23 7.55 -33.97
C VAL B 133 -7.98 6.79 -33.49
N ASN B 134 -7.13 7.52 -32.75
CA ASN B 134 -5.96 6.95 -32.07
C ASN B 134 -6.17 7.00 -30.55
N LEU B 135 -6.02 5.84 -29.92
CA LEU B 135 -6.28 5.70 -28.49
C LEU B 135 -5.03 5.31 -27.71
N THR B 136 -4.77 6.05 -26.63
CA THR B 136 -3.73 5.73 -25.65
C THR B 136 -4.42 5.43 -24.32
N ILE B 137 -4.14 4.26 -23.76
CA ILE B 137 -4.72 3.83 -22.48
C ILE B 137 -3.64 3.76 -21.41
N PHE B 138 -3.82 4.55 -20.36
CA PHE B 138 -3.05 4.43 -19.13
C PHE B 138 -3.96 3.83 -18.08
N THR B 139 -3.48 2.79 -17.40
CA THR B 139 -4.25 2.15 -16.35
C THR B 139 -3.49 2.11 -15.02
N ALA B 140 -4.19 2.45 -13.93
CA ALA B 140 -3.59 2.40 -12.58
C ALA B 140 -3.29 0.97 -12.15
N ARG B 141 -4.22 0.05 -12.39
CA ARG B 141 -4.10 -1.34 -11.99
C ARG B 141 -4.49 -2.26 -13.16
N LEU B 142 -4.01 -3.50 -13.14
CA LEU B 142 -4.43 -4.51 -14.10
C LEU B 142 -5.50 -5.41 -13.51
N TYR B 143 -6.69 -5.36 -14.11
CA TYR B 143 -7.85 -6.12 -13.67
C TYR B 143 -7.73 -7.56 -14.15
N TYR B 144 -7.64 -8.49 -13.20
CA TYR B 144 -7.49 -9.94 -13.46
C TYR B 144 -6.31 -10.28 -14.38
N PHE B 145 -5.12 -9.75 -14.07
CA PHE B 145 -3.97 -9.90 -14.97
C PHE B 145 -3.48 -11.35 -15.15
N TRP B 146 -3.83 -12.21 -14.19
CA TRP B 146 -3.50 -13.64 -14.20
C TRP B 146 -4.47 -14.48 -15.03
N ASP B 147 -5.62 -13.90 -15.37
CA ASP B 147 -6.66 -14.59 -16.15
C ASP B 147 -6.36 -14.48 -17.64
N THR B 148 -6.33 -15.64 -18.30
CA THR B 148 -5.97 -15.75 -19.71
C THR B 148 -6.87 -14.93 -20.67
N ASP B 149 -8.15 -14.82 -20.36
CA ASP B 149 -9.12 -14.06 -21.18
C ASP B 149 -8.94 -12.54 -21.06
N TYR B 150 -8.55 -12.07 -19.89
CA TYR B 150 -8.30 -10.64 -19.66
C TYR B 150 -7.00 -10.23 -20.35
N GLN B 151 -6.01 -11.11 -20.28
CA GLN B 151 -4.73 -10.96 -20.99
C GLN B 151 -4.95 -10.82 -22.50
N GLU B 152 -5.75 -11.73 -23.08
CA GLU B 152 -6.08 -11.69 -24.51
C GLU B 152 -6.83 -10.42 -24.88
N GLY B 153 -7.66 -9.94 -23.96
CA GLY B 153 -8.34 -8.65 -24.07
C GLY B 153 -7.36 -7.49 -24.25
N LEU B 154 -6.33 -7.46 -23.39
CA LEU B 154 -5.28 -6.44 -23.47
C LEU B 154 -4.43 -6.55 -24.74
N ARG B 155 -4.09 -7.79 -25.12
CA ARG B 155 -3.32 -8.08 -26.33
C ARG B 155 -4.07 -7.63 -27.58
N SER B 156 -5.38 -7.92 -27.60
CA SER B 156 -6.28 -7.50 -28.68
C SER B 156 -6.28 -5.98 -28.88
N LEU B 157 -6.34 -5.23 -27.77
CA LEU B 157 -6.28 -3.77 -27.79
C LEU B 157 -4.99 -3.24 -28.41
N SER B 158 -3.86 -3.79 -27.93
CA SER B 158 -2.52 -3.42 -28.40
C SER B 158 -2.30 -3.71 -29.87
N GLN B 159 -2.87 -4.81 -30.34
CA GLN B 159 -2.73 -5.25 -31.73
C GLN B 159 -3.60 -4.42 -32.70
N GLU B 160 -4.59 -3.71 -32.16
CA GLU B 160 -5.44 -2.83 -32.97
C GLU B 160 -4.98 -1.36 -32.95
N GLY B 161 -3.78 -1.14 -32.42
CA GLY B 161 -3.15 0.17 -32.43
C GLY B 161 -3.26 1.00 -31.16
N ALA B 162 -4.11 0.55 -30.22
CA ALA B 162 -4.18 1.18 -28.90
C ALA B 162 -2.84 1.02 -28.19
N SER B 163 -2.35 2.12 -27.64
CA SER B 163 -1.16 2.10 -26.80
C SER B 163 -1.62 1.79 -25.38
N VAL B 164 -1.23 0.63 -24.86
CA VAL B 164 -1.61 0.22 -23.50
C VAL B 164 -0.42 0.35 -22.56
N GLU B 165 -0.59 1.18 -21.53
CA GLU B 165 0.47 1.46 -20.58
C GLU B 165 -0.06 1.55 -19.14
N ILE B 166 0.86 1.41 -18.20
CA ILE B 166 0.55 1.56 -16.80
C ILE B 166 0.84 2.99 -16.35
N MET B 167 -0.11 3.56 -15.59
CA MET B 167 0.02 4.90 -15.03
C MET B 167 1.26 5.02 -14.15
N GLY B 168 2.12 5.97 -14.48
CA GLY B 168 3.26 6.33 -13.64
C GLY B 168 2.93 7.57 -12.84
N TYR B 169 3.89 8.04 -12.04
CA TYR B 169 3.75 9.24 -11.21
C TYR B 169 3.13 10.41 -11.95
N LYS B 170 3.68 10.72 -13.13
CA LYS B 170 3.26 11.87 -13.91
C LYS B 170 1.80 11.81 -14.36
N ASP B 171 1.29 10.61 -14.62
CA ASP B 171 -0.12 10.41 -14.99
C ASP B 171 -1.07 10.57 -13.80
N PHE B 172 -0.68 10.06 -12.63
CA PHE B 172 -1.45 10.29 -11.39
C PHE B 172 -1.53 11.78 -11.06
N LYS B 173 -0.39 12.47 -11.21
CA LYS B 173 -0.27 13.91 -10.99
C LYS B 173 -1.15 14.67 -11.98
N TYR B 174 -1.06 14.28 -13.26
CA TYR B 174 -1.89 14.88 -14.31
C TYR B 174 -3.39 14.73 -14.02
N CYS B 175 -3.79 13.56 -13.54
CA CYS B 175 -5.19 13.30 -13.15
C CYS B 175 -5.63 14.10 -11.94
N TRP B 176 -4.76 14.18 -10.93
CA TRP B 176 -4.99 15.02 -9.75
C TRP B 176 -5.24 16.48 -10.12
N GLU B 177 -4.51 16.97 -11.11
CA GLU B 177 -4.58 18.37 -11.52
C GLU B 177 -5.74 18.70 -12.46
N ASN B 178 -6.24 17.69 -13.18
CA ASN B 178 -7.24 17.93 -14.24
C ASN B 178 -8.59 17.27 -14.08
N PHE B 179 -8.68 16.23 -13.26
CA PHE B 179 -9.95 15.47 -13.10
C PHE B 179 -10.48 15.43 -11.68
N VAL B 180 -9.79 16.13 -10.78
CA VAL B 180 -10.03 16.09 -9.33
C VAL B 180 -10.22 17.51 -8.83
N TYR B 181 -11.23 17.71 -7.97
CA TYR B 181 -11.33 18.95 -7.19
C TYR B 181 -10.21 19.00 -6.15
N ASN B 182 -9.00 19.28 -6.61
CA ASN B 182 -7.82 19.26 -5.74
C ASN B 182 -7.74 20.41 -4.73
N ASP B 183 -8.58 21.44 -4.92
CA ASP B 183 -8.63 22.63 -4.04
C ASP B 183 -7.24 23.30 -3.87
N ASP B 184 -6.50 23.38 -4.99
CA ASP B 184 -5.12 23.91 -5.06
C ASP B 184 -4.08 23.16 -4.23
N GLU B 185 -4.45 22.01 -3.67
CA GLU B 185 -3.51 21.14 -2.96
C GLU B 185 -2.62 20.42 -3.96
N PRO B 186 -1.31 20.28 -3.65
CA PRO B 186 -0.42 19.55 -4.58
C PRO B 186 -0.68 18.05 -4.54
N PHE B 187 -0.32 17.34 -5.60
CA PHE B 187 -0.42 15.88 -5.61
C PHE B 187 0.51 15.27 -4.56
N LYS B 188 -0.04 14.37 -3.75
CA LYS B 188 0.67 13.69 -2.70
C LYS B 188 0.77 12.19 -3.03
N PRO B 189 1.94 11.74 -3.54
CA PRO B 189 2.10 10.33 -3.93
C PRO B 189 2.07 9.38 -2.73
N TRP B 190 1.37 8.27 -2.85
CA TRP B 190 1.35 7.25 -1.79
C TRP B 190 2.64 6.45 -1.80
N LYS B 191 2.94 5.84 -0.65
CA LYS B 191 4.05 4.91 -0.48
C LYS B 191 3.90 3.75 -1.47
N GLY B 192 4.99 3.44 -2.16
CA GLY B 192 5.05 2.31 -3.07
C GLY B 192 4.58 2.57 -4.49
N LEU B 193 4.20 3.82 -4.80
CA LEU B 193 3.63 4.16 -6.11
C LEU B 193 4.53 3.72 -7.29
N LYS B 194 5.81 4.09 -7.23
CA LYS B 194 6.77 3.77 -8.29
C LYS B 194 7.14 2.29 -8.31
N TYR B 195 7.26 1.69 -7.12
CA TYR B 195 7.46 0.24 -6.99
C TYR B 195 6.31 -0.54 -7.65
N ASN B 196 5.07 -0.17 -7.32
CA ASN B 196 3.88 -0.76 -7.93
C ASN B 196 3.85 -0.58 -9.45
N PHE B 197 4.18 0.63 -9.92
CA PHE B 197 4.30 0.92 -11.35
C PHE B 197 5.23 -0.06 -12.05
N LEU B 198 6.39 -0.28 -11.44
CA LEU B 198 7.40 -1.18 -11.98
C LEU B 198 6.92 -2.62 -12.03
N PHE B 199 6.29 -3.09 -10.95
CA PHE B 199 5.73 -4.44 -10.89
C PHE B 199 4.69 -4.65 -12.00
N LEU B 200 3.79 -3.68 -12.15
CA LEU B 200 2.68 -3.77 -13.11
C LEU B 200 3.16 -3.65 -14.55
N ASP B 201 4.07 -2.70 -14.81
CA ASP B 201 4.69 -2.54 -16.13
C ASP B 201 5.37 -3.83 -16.59
N SER B 202 6.03 -4.50 -15.66
CA SER B 202 6.68 -5.78 -15.93
C SER B 202 5.65 -6.85 -16.29
N LYS B 203 4.54 -6.85 -15.56
CA LYS B 203 3.46 -7.80 -15.79
C LYS B 203 2.78 -7.57 -17.14
N LEU B 204 2.59 -6.30 -17.50
CA LEU B 204 1.98 -5.93 -18.77
C LEU B 204 2.83 -6.32 -19.98
N GLN B 205 4.14 -6.11 -19.87
CA GLN B 205 5.08 -6.48 -20.93
C GLN B 205 5.11 -7.99 -21.18
N GLU B 206 5.01 -8.78 -20.11
CA GLU B 206 4.85 -10.24 -20.19
C GLU B 206 3.60 -10.62 -20.97
N ILE B 207 2.50 -9.91 -20.69
CA ILE B 207 1.20 -10.12 -21.36
C ILE B 207 1.27 -9.75 -22.85
N LEU B 208 1.80 -8.56 -23.14
CA LEU B 208 1.86 -8.02 -24.50
C LEU B 208 2.89 -8.70 -25.42
N GLU B 209 3.89 -9.36 -24.83
CA GLU B 209 4.90 -10.10 -25.60
C GLU B 209 4.33 -11.41 -26.15
ZN ZN D . 2.53 0.93 27.92
AS CAC E . 0.92 -1.45 25.96
O1 CAC E . 1.82 0.03 25.97
O2 CAC E . 1.76 -2.69 26.85
C1 CAC E . 0.73 -2.04 24.11
C2 CAC E . -0.86 -1.19 26.75
ZN ZN F . -16.02 -4.06 -19.16
AS CAC G . -14.37 -2.80 -16.40
O1 CAC G . -14.36 -3.44 -18.01
O2 CAC G . -15.32 -1.34 -16.32
C1 CAC G . -15.15 -4.12 -15.17
C2 CAC G . -12.55 -2.38 -15.84
#